data_6ZTC
#
_entry.id   6ZTC
#
_cell.length_a   49.071
_cell.length_b   68.163
_cell.length_c   68.517
_cell.angle_alpha   90.000
_cell.angle_beta   96.700
_cell.angle_gamma   90.000
#
_symmetry.space_group_name_H-M   'P 1 21 1'
#
loop_
_entity.id
_entity.type
_entity.pdbx_description
1 polymer 'Hematopoietic prostaglandin D synthase'
2 non-polymer GLUTATHIONE
3 non-polymer 'MAGNESIUM ION'
4 non-polymer 1-[1-(3-fluorophenyl)-6,7-dihydro-4~{H}-pyrazolo[4,3-c]pyridin-5-yl]propan-1-one
5 non-polymer GLYCEROL
6 water water
#
_entity_poly.entity_id   1
_entity_poly.type   'polypeptide(L)'
_entity_poly.pdbx_seq_one_letter_code
;GMPNYKLTYFNMRGRAEIIRYIFAYLDIQYEDHRIEQADWPEIKSTLPFGKIPILEVDGLTLHQSLAIARYLTKNTDLAG
NTEMEQCHVDAIVDTLDDFMSCFPWAEKKQDVKEQMFNELLTYNAPHLMQDLDTYLGGREWLIGNSVTWADFYWEICSTT
LLVFKPDLLDNHPRLVTLRKKVQAIPAVANWIKRRPQTKL
;
_entity_poly.pdbx_strand_id   A,B
#
loop_
_chem_comp.id
_chem_comp.type
_chem_comp.name
_chem_comp.formula
GOL non-polymer GLYCEROL 'C3 H8 O3'
GSH non-polymer GLUTATHIONE 'C10 H17 N3 O6 S'
MG non-polymer 'MAGNESIUM ION' 'Mg 2'
QPN non-polymer 1-[1-(3-fluorophenyl)-6,7-dihydro-4~{H}-pyrazolo[4,3-c]pyridin-5-yl]propan-1-one 'C15 H16 F N3 O'
#
# COMPACT_ATOMS: atom_id res chain seq x y z
N MET A 2 -24.79 14.29 -8.39
CA MET A 2 -23.81 13.39 -9.11
C MET A 2 -22.42 13.99 -9.08
N PRO A 3 -21.41 13.28 -8.54
CA PRO A 3 -20.06 13.83 -8.35
C PRO A 3 -19.32 14.19 -9.64
N ASN A 4 -18.71 15.38 -9.61
CA ASN A 4 -17.79 15.83 -10.63
C ASN A 4 -16.39 15.34 -10.25
N TYR A 5 -15.72 14.67 -11.20
CA TYR A 5 -14.44 14.03 -10.94
C TYR A 5 -13.37 14.58 -11.88
N LYS A 6 -12.20 14.88 -11.31
CA LYS A 6 -11.08 15.32 -12.12
C LYS A 6 -9.83 14.56 -11.70
N LEU A 7 -9.28 13.77 -12.62
CA LEU A 7 -8.07 13.00 -12.37
C LEU A 7 -6.87 13.72 -12.98
N THR A 8 -5.83 13.92 -12.17
CA THR A 8 -4.61 14.56 -12.62
C THR A 8 -3.46 13.57 -12.51
N TYR A 9 -2.75 13.39 -13.64
CA TYR A 9 -1.55 12.59 -13.75
C TYR A 9 -0.82 13.00 -15.02
N PHE A 10 0.36 12.43 -15.22
CA PHE A 10 1.10 12.55 -16.46
C PHE A 10 0.36 11.82 -17.59
N ASN A 11 0.76 12.14 -18.82
CA ASN A 11 0.28 11.44 -20.01
C ASN A 11 0.98 10.09 -20.05
N MET A 12 0.39 9.11 -19.35
CA MET A 12 1.08 7.87 -19.07
C MET A 12 0.07 6.97 -18.37
N ARG A 13 0.21 5.64 -18.49
CA ARG A 13 -0.68 4.72 -17.80
C ARG A 13 -0.28 4.78 -16.31
N GLY A 14 0.93 4.29 -16.03
CA GLY A 14 1.58 4.37 -14.72
C GLY A 14 0.61 4.04 -13.59
N ARG A 15 0.65 4.87 -12.52
CA ARG A 15 -0.12 4.65 -11.29
C ARG A 15 -1.56 5.16 -11.44
N ALA A 16 -1.86 5.89 -12.51
CA ALA A 16 -3.21 6.40 -12.67
C ALA A 16 -4.13 5.36 -13.33
N GLU A 17 -3.53 4.41 -14.03
CA GLU A 17 -4.31 3.57 -14.94
C GLU A 17 -5.40 2.80 -14.19
N ILE A 18 -5.12 2.34 -12.96
CA ILE A 18 -6.10 1.57 -12.19
C ILE A 18 -7.37 2.40 -12.02
N ILE A 19 -7.20 3.71 -11.79
CA ILE A 19 -8.32 4.61 -11.56
C ILE A 19 -9.10 4.75 -12.87
N ARG A 20 -8.35 4.86 -13.96
CA ARG A 20 -8.95 4.97 -15.28
C ARG A 20 -9.82 3.74 -15.60
N TYR A 21 -9.29 2.55 -15.31
CA TYR A 21 -10.06 1.33 -15.57
C TYR A 21 -11.34 1.30 -14.74
N ILE A 22 -11.28 1.79 -13.48
CA ILE A 22 -12.41 1.72 -12.59
C ILE A 22 -13.53 2.64 -13.09
N PHE A 23 -13.16 3.85 -13.50
CA PHE A 23 -14.14 4.78 -14.04
C PHE A 23 -14.74 4.21 -15.32
N ALA A 24 -13.90 3.63 -16.19
CA ALA A 24 -14.43 3.01 -17.40
C ALA A 24 -15.46 1.93 -17.03
N TYR A 25 -15.06 1.01 -16.15
CA TYR A 25 -15.92 -0.12 -15.84
C TYR A 25 -17.26 0.30 -15.23
N LEU A 26 -17.22 1.32 -14.37
CA LEU A 26 -18.43 1.75 -13.69
C LEU A 26 -19.17 2.78 -14.53
N ASP A 27 -18.67 3.08 -15.74
CA ASP A 27 -19.29 4.05 -16.64
C ASP A 27 -19.48 5.38 -15.91
N ILE A 28 -18.40 5.87 -15.30
CA ILE A 28 -18.43 7.15 -14.61
C ILE A 28 -17.62 8.16 -15.44
N GLN A 29 -18.26 9.27 -15.81
CA GLN A 29 -17.59 10.29 -16.59
C GLN A 29 -16.67 11.06 -15.65
N TYR A 30 -15.50 11.43 -16.16
CA TYR A 30 -14.52 12.17 -15.39
C TYR A 30 -13.63 12.92 -16.36
N GLU A 31 -12.86 13.89 -15.85
CA GLU A 31 -11.86 14.57 -16.65
C GLU A 31 -10.52 13.87 -16.44
N ASP A 32 -9.98 13.33 -17.54
CA ASP A 32 -8.69 12.65 -17.56
C ASP A 32 -7.66 13.74 -17.83
N HIS A 33 -7.32 14.49 -16.78
CA HIS A 33 -6.42 15.62 -16.92
C HIS A 33 -4.99 15.12 -16.98
N ARG A 34 -4.38 15.24 -18.15
CA ARG A 34 -3.00 14.79 -18.33
C ARG A 34 -2.10 16.01 -18.45
N ILE A 35 -1.06 16.05 -17.63
CA ILE A 35 -0.20 17.22 -17.59
C ILE A 35 1.12 16.88 -18.25
N GLU A 36 1.56 17.79 -19.13
CA GLU A 36 2.91 17.68 -19.64
C GLU A 36 3.82 18.07 -18.49
N GLN A 37 5.02 17.49 -18.47
CA GLN A 37 6.00 17.65 -17.41
C GLN A 37 6.13 19.12 -17.00
N ALA A 38 6.00 20.04 -17.97
CA ALA A 38 6.23 21.47 -17.74
C ALA A 38 5.20 22.07 -16.79
N ASP A 39 3.98 21.52 -16.77
CA ASP A 39 2.90 22.04 -15.94
C ASP A 39 2.91 21.44 -14.53
N TRP A 40 3.89 20.56 -14.25
CA TRP A 40 3.94 19.83 -12.99
C TRP A 40 4.41 20.70 -11.82
N PRO A 41 5.57 21.41 -11.90
CA PRO A 41 6.05 22.22 -10.77
C PRO A 41 5.03 23.17 -10.13
N GLU A 42 4.15 23.78 -10.94
CA GLU A 42 3.18 24.71 -10.38
C GLU A 42 2.04 23.98 -9.69
N ILE A 43 1.69 22.77 -10.17
CA ILE A 43 0.66 21.96 -9.54
C ILE A 43 1.18 21.33 -8.25
N LYS A 44 2.37 20.71 -8.33
CA LYS A 44 3.04 20.08 -7.20
C LYS A 44 3.10 21.01 -5.99
N SER A 45 3.45 22.27 -6.24
CA SER A 45 3.61 23.21 -5.14
C SER A 45 2.32 23.32 -4.30
N THR A 46 1.16 23.05 -4.91
CA THR A 46 -0.13 23.26 -4.26
C THR A 46 -0.62 22.02 -3.52
N LEU A 47 0.04 20.86 -3.73
CA LEU A 47 -0.45 19.59 -3.20
C LEU A 47 0.17 19.30 -1.83
N PRO A 48 -0.65 19.00 -0.80
CA PRO A 48 -0.15 18.56 0.50
C PRO A 48 1.02 17.57 0.46
N PHE A 49 0.95 16.52 -0.39
CA PHE A 49 2.05 15.55 -0.40
C PHE A 49 2.91 15.60 -1.67
N GLY A 50 2.59 16.50 -2.61
CA GLY A 50 3.43 16.75 -3.78
C GLY A 50 3.61 15.55 -4.70
N LYS A 51 2.62 14.62 -4.72
CA LYS A 51 2.69 13.47 -5.61
C LYS A 51 1.39 13.35 -6.38
N ILE A 52 1.50 12.71 -7.56
CA ILE A 52 0.34 12.38 -8.37
C ILE A 52 0.34 10.86 -8.59
N PRO A 53 -0.81 10.24 -8.90
CA PRO A 53 -2.05 10.97 -9.15
C PRO A 53 -2.81 11.56 -7.98
N ILE A 54 -3.68 12.53 -8.31
CA ILE A 54 -4.71 13.05 -7.41
C ILE A 54 -6.05 12.95 -8.13
N LEU A 55 -7.12 12.88 -7.34
CA LEU A 55 -8.47 12.91 -7.85
C LEU A 55 -9.23 13.98 -7.07
N GLU A 56 -9.84 14.92 -7.82
CA GLU A 56 -10.71 15.90 -7.20
C GLU A 56 -12.15 15.43 -7.31
N VAL A 57 -12.84 15.39 -6.17
CA VAL A 57 -14.22 14.98 -6.10
C VAL A 57 -15.02 16.17 -5.58
N ASP A 58 -15.89 16.73 -6.44
CA ASP A 58 -16.61 17.95 -6.08
C ASP A 58 -15.65 18.98 -5.46
N GLY A 59 -14.48 19.17 -6.06
CA GLY A 59 -13.52 20.20 -5.68
C GLY A 59 -12.74 19.89 -4.39
N LEU A 60 -12.83 18.65 -3.90
CA LEU A 60 -12.00 18.18 -2.79
C LEU A 60 -10.98 17.18 -3.30
N THR A 61 -9.71 17.37 -2.92
CA THR A 61 -8.58 16.61 -3.44
C THR A 61 -8.32 15.33 -2.65
N LEU A 62 -8.23 14.19 -3.36
CA LEU A 62 -7.82 12.93 -2.77
C LEU A 62 -6.45 12.58 -3.38
N HIS A 63 -5.62 11.83 -2.64
CA HIS A 63 -4.33 11.40 -3.17
C HIS A 63 -4.13 9.91 -2.88
N GLN A 64 -3.06 9.32 -3.44
CA GLN A 64 -2.65 7.91 -3.32
C GLN A 64 -3.50 7.06 -4.25
N SER A 65 -2.87 6.53 -5.30
CA SER A 65 -3.59 5.86 -6.38
C SER A 65 -4.52 4.76 -5.85
N LEU A 66 -4.03 3.95 -4.88
CA LEU A 66 -4.80 2.77 -4.48
C LEU A 66 -5.84 3.13 -3.44
N ALA A 67 -5.56 4.17 -2.64
CA ALA A 67 -6.57 4.69 -1.75
C ALA A 67 -7.77 5.19 -2.56
N ILE A 68 -7.49 5.93 -3.65
CA ILE A 68 -8.53 6.42 -4.55
C ILE A 68 -9.28 5.26 -5.19
N ALA A 69 -8.50 4.29 -5.70
CA ALA A 69 -9.10 3.14 -6.38
C ALA A 69 -10.08 2.46 -5.41
N ARG A 70 -9.69 2.27 -4.14
CA ARG A 70 -10.53 1.58 -3.17
C ARG A 70 -11.78 2.42 -2.89
N TYR A 71 -11.60 3.73 -2.80
CA TYR A 71 -12.75 4.59 -2.54
C TYR A 71 -13.77 4.47 -3.70
N LEU A 72 -13.28 4.49 -4.95
CA LEU A 72 -14.19 4.44 -6.10
C LEU A 72 -14.92 3.10 -6.20
N THR A 73 -14.34 2.02 -5.66
CA THR A 73 -14.97 0.71 -5.80
C THR A 73 -15.87 0.35 -4.61
N LYS A 74 -15.81 1.15 -3.55
CA LYS A 74 -16.63 0.85 -2.38
C LYS A 74 -18.10 0.75 -2.80
N ASN A 75 -18.81 -0.26 -2.26
CA ASN A 75 -20.23 -0.46 -2.50
C ASN A 75 -20.47 -0.84 -3.96
N THR A 76 -19.43 -1.36 -4.64
CA THR A 76 -19.65 -1.89 -5.98
C THR A 76 -19.14 -3.32 -6.01
N ASP A 77 -19.42 -3.99 -7.14
CA ASP A 77 -19.04 -5.36 -7.41
C ASP A 77 -17.54 -5.51 -7.66
N LEU A 78 -16.81 -4.40 -7.86
CA LEU A 78 -15.38 -4.49 -8.07
C LEU A 78 -14.63 -4.68 -6.75
N ALA A 79 -15.28 -4.34 -5.63
CA ALA A 79 -14.64 -4.29 -4.32
C ALA A 79 -14.24 -5.66 -3.75
N GLY A 80 -14.98 -6.71 -4.11
CA GLY A 80 -14.91 -7.96 -3.37
C GLY A 80 -16.26 -8.21 -2.71
N ASN A 81 -16.70 -9.48 -2.67
CA ASN A 81 -18.08 -9.79 -2.36
C ASN A 81 -18.32 -9.94 -0.86
N THR A 82 -17.27 -10.29 -0.10
CA THR A 82 -17.32 -10.46 1.34
C THR A 82 -16.21 -9.65 1.98
N GLU A 83 -16.23 -9.50 3.31
CA GLU A 83 -15.21 -8.69 3.96
C GLU A 83 -13.85 -9.36 3.82
N MET A 84 -13.81 -10.69 3.94
CA MET A 84 -12.53 -11.38 3.81
C MET A 84 -12.06 -11.35 2.34
N GLU A 85 -12.99 -11.37 1.39
CA GLU A 85 -12.63 -11.24 -0.01
C GLU A 85 -12.05 -9.85 -0.28
N GLN A 86 -12.65 -8.79 0.30
CA GLN A 86 -12.12 -7.45 0.20
C GLN A 86 -10.67 -7.42 0.71
N CYS A 87 -10.40 -8.17 1.79
CA CYS A 87 -9.04 -8.29 2.32
C CYS A 87 -8.10 -8.92 1.29
N HIS A 88 -8.56 -10.00 0.62
CA HIS A 88 -7.73 -10.66 -0.38
C HIS A 88 -7.48 -9.73 -1.58
N VAL A 89 -8.48 -8.91 -1.94
CA VAL A 89 -8.33 -7.95 -3.02
C VAL A 89 -7.24 -6.94 -2.67
N ASP A 90 -7.35 -6.37 -1.45
CA ASP A 90 -6.36 -5.45 -0.93
C ASP A 90 -4.96 -6.08 -0.92
N ALA A 91 -4.88 -7.34 -0.51
CA ALA A 91 -3.60 -8.02 -0.34
C ALA A 91 -2.92 -8.23 -1.69
N ILE A 92 -3.67 -8.76 -2.67
CA ILE A 92 -3.12 -8.94 -4.01
C ILE A 92 -2.64 -7.59 -4.57
N VAL A 93 -3.47 -6.55 -4.45
CA VAL A 93 -3.07 -5.22 -4.95
C VAL A 93 -1.76 -4.78 -4.31
N ASP A 94 -1.63 -4.90 -2.96
CA ASP A 94 -0.42 -4.46 -2.29
C ASP A 94 0.77 -5.32 -2.73
N THR A 95 0.55 -6.61 -2.98
CA THR A 95 1.65 -7.46 -3.41
C THR A 95 2.21 -6.97 -4.75
N LEU A 96 1.30 -6.70 -5.69
CA LEU A 96 1.73 -6.20 -6.99
C LEU A 96 2.38 -4.83 -6.84
N ASP A 97 1.74 -3.94 -6.06
CA ASP A 97 2.23 -2.57 -5.94
C ASP A 97 3.61 -2.56 -5.30
N ASP A 98 3.83 -3.46 -4.33
CA ASP A 98 5.11 -3.50 -3.61
C ASP A 98 6.22 -3.80 -4.62
N PHE A 99 5.94 -4.75 -5.53
CA PHE A 99 6.89 -5.14 -6.55
C PHE A 99 7.10 -4.01 -7.55
N MET A 100 6.02 -3.44 -8.08
CA MET A 100 6.14 -2.33 -9.01
C MET A 100 6.90 -1.16 -8.37
N SER A 101 6.73 -0.97 -7.05
CA SER A 101 7.32 0.15 -6.33
C SER A 101 8.83 0.01 -6.16
N CYS A 102 9.36 -1.21 -6.31
CA CYS A 102 10.78 -1.48 -6.18
C CYS A 102 11.61 -0.89 -7.32
N PHE A 103 10.98 -0.70 -8.49
CA PHE A 103 11.70 -0.22 -9.66
C PHE A 103 12.06 1.26 -9.50
N PRO A 104 13.33 1.63 -9.81
CA PRO A 104 13.78 3.01 -9.65
C PRO A 104 13.32 3.90 -10.81
N TRP A 105 12.03 4.26 -10.81
CA TRP A 105 11.38 4.98 -11.91
C TRP A 105 11.98 6.37 -12.13
N ALA A 106 12.41 7.02 -11.04
CA ALA A 106 12.84 8.41 -11.11
C ALA A 106 14.36 8.54 -11.31
N GLU A 107 15.09 7.42 -11.23
CA GLU A 107 16.55 7.38 -11.33
C GLU A 107 17.02 8.03 -12.64
N LYS A 108 17.91 9.01 -12.54
CA LYS A 108 18.36 9.83 -13.66
C LYS A 108 19.51 9.18 -14.43
N LYS A 109 20.42 8.50 -13.71
CA LYS A 109 21.52 7.79 -14.34
C LYS A 109 20.96 6.57 -15.09
N GLN A 110 20.82 6.70 -16.42
CA GLN A 110 20.21 5.67 -17.25
C GLN A 110 20.95 4.33 -17.16
N ASP A 111 22.15 4.35 -16.57
CA ASP A 111 22.96 3.14 -16.46
C ASP A 111 22.69 2.41 -15.15
N VAL A 112 22.45 3.18 -14.08
CA VAL A 112 22.12 2.64 -12.77
C VAL A 112 20.74 2.00 -12.84
N LYS A 113 19.86 2.63 -13.63
CA LYS A 113 18.45 2.27 -13.81
C LYS A 113 18.31 0.91 -14.51
N GLU A 114 19.10 0.68 -15.56
CA GLU A 114 19.02 -0.53 -16.36
C GLU A 114 19.54 -1.74 -15.58
N GLN A 115 20.55 -1.50 -14.75
CA GLN A 115 21.13 -2.54 -13.90
C GLN A 115 20.08 -3.02 -12.90
N MET A 116 19.30 -2.07 -12.35
CA MET A 116 18.34 -2.38 -11.31
C MET A 116 17.08 -3.02 -11.91
N PHE A 117 16.53 -2.42 -12.96
CA PHE A 117 15.38 -3.00 -13.65
C PHE A 117 15.67 -4.45 -14.03
N ASN A 118 16.91 -4.70 -14.46
CA ASN A 118 17.31 -6.01 -14.95
C ASN A 118 17.36 -7.03 -13.81
N GLU A 119 17.90 -6.62 -12.67
CA GLU A 119 18.00 -7.52 -11.52
C GLU A 119 16.59 -7.91 -11.04
N LEU A 120 15.67 -6.94 -10.97
CA LEU A 120 14.32 -7.17 -10.52
C LEU A 120 13.59 -8.14 -11.46
N LEU A 121 13.70 -7.88 -12.77
CA LEU A 121 13.03 -8.68 -13.78
C LEU A 121 13.62 -10.09 -13.89
N THR A 122 14.93 -10.23 -13.62
CA THR A 122 15.58 -11.52 -13.82
C THR A 122 15.36 -12.43 -12.62
N TYR A 123 15.59 -11.90 -11.42
CA TYR A 123 15.55 -12.74 -10.23
C TYR A 123 14.19 -12.69 -9.52
N ASN A 124 13.61 -11.48 -9.41
CA ASN A 124 12.45 -11.29 -8.56
C ASN A 124 11.14 -11.61 -9.28
N ALA A 125 10.97 -11.08 -10.50
CA ALA A 125 9.76 -11.21 -11.29
C ALA A 125 9.29 -12.66 -11.42
N PRO A 126 10.12 -13.64 -11.87
CA PRO A 126 9.64 -15.01 -12.02
C PRO A 126 9.06 -15.65 -10.75
N HIS A 127 9.59 -15.26 -9.58
CA HIS A 127 9.08 -15.80 -8.32
C HIS A 127 7.66 -15.28 -8.08
N LEU A 128 7.46 -14.01 -8.36
CA LEU A 128 6.15 -13.41 -8.20
C LEU A 128 5.15 -14.10 -9.15
N MET A 129 5.50 -14.19 -10.45
CA MET A 129 4.59 -14.78 -11.42
C MET A 129 4.20 -16.19 -10.99
N GLN A 130 5.19 -16.97 -10.54
CA GLN A 130 4.92 -18.31 -10.04
C GLN A 130 3.98 -18.26 -8.83
N ASP A 131 4.17 -17.31 -7.91
CA ASP A 131 3.28 -17.23 -6.75
C ASP A 131 1.87 -16.86 -7.18
N LEU A 132 1.76 -15.96 -8.17
CA LEU A 132 0.45 -15.54 -8.62
C LEU A 132 -0.27 -16.70 -9.31
N ASP A 133 0.46 -17.45 -10.16
CA ASP A 133 -0.09 -18.60 -10.87
C ASP A 133 -0.66 -19.63 -9.91
N THR A 134 0.14 -20.04 -8.92
CA THR A 134 -0.29 -20.98 -7.91
C THR A 134 -1.51 -20.41 -7.19
N TYR A 135 -1.45 -19.12 -6.86
CA TYR A 135 -2.54 -18.50 -6.12
C TYR A 135 -3.83 -18.55 -6.92
N LEU A 136 -3.75 -18.31 -8.24
CA LEU A 136 -4.92 -18.33 -9.09
C LEU A 136 -5.44 -19.75 -9.31
N GLY A 137 -4.52 -20.71 -9.47
CA GLY A 137 -4.89 -22.07 -9.81
C GLY A 137 -5.83 -22.12 -11.02
N GLY A 138 -6.95 -22.82 -10.89
CA GLY A 138 -7.89 -22.94 -12.02
C GLY A 138 -9.09 -22.03 -11.87
N ARG A 139 -9.06 -21.11 -10.89
CA ARG A 139 -10.18 -20.22 -10.63
C ARG A 139 -10.32 -19.21 -11.76
N GLU A 140 -11.49 -18.55 -11.83
CA GLU A 140 -11.80 -17.68 -12.95
C GLU A 140 -11.15 -16.30 -12.76
N TRP A 141 -11.11 -15.85 -11.50
CA TRP A 141 -10.58 -14.54 -11.17
C TRP A 141 -9.67 -14.68 -9.96
N LEU A 142 -8.88 -13.64 -9.67
CA LEU A 142 -7.91 -13.75 -8.58
C LEU A 142 -8.63 -13.94 -7.25
N ILE A 143 -9.74 -13.23 -7.06
CA ILE A 143 -10.51 -13.35 -5.84
C ILE A 143 -11.99 -13.53 -6.17
N GLY A 144 -12.60 -14.57 -5.57
CA GLY A 144 -14.04 -14.74 -5.61
C GLY A 144 -14.54 -15.21 -6.98
N ASN A 145 -15.82 -14.96 -7.24
CA ASN A 145 -16.42 -15.51 -8.44
C ASN A 145 -16.74 -14.42 -9.45
N SER A 146 -16.22 -13.20 -9.23
CA SER A 146 -16.44 -12.13 -10.19
C SER A 146 -15.20 -11.23 -10.26
N VAL A 147 -15.11 -10.45 -11.33
CA VAL A 147 -13.95 -9.58 -11.55
C VAL A 147 -13.87 -8.56 -10.41
N THR A 148 -12.64 -8.28 -9.95
CA THR A 148 -12.44 -7.24 -8.95
C THR A 148 -11.36 -6.30 -9.47
N TRP A 149 -11.14 -5.17 -8.78
CA TRP A 149 -10.08 -4.28 -9.22
C TRP A 149 -8.70 -4.91 -9.03
N ALA A 150 -8.60 -6.05 -8.30
CA ALA A 150 -7.34 -6.77 -8.25
C ALA A 150 -7.01 -7.38 -9.63
N ASP A 151 -8.02 -7.88 -10.34
CA ASP A 151 -7.80 -8.40 -11.69
C ASP A 151 -7.33 -7.29 -12.63
N PHE A 152 -7.99 -6.13 -12.52
CA PHE A 152 -7.60 -4.96 -13.29
C PHE A 152 -6.14 -4.61 -12.99
N TYR A 153 -5.77 -4.60 -11.69
CA TYR A 153 -4.42 -4.20 -11.31
C TYR A 153 -3.41 -5.22 -11.82
N TRP A 154 -3.80 -6.50 -11.84
CA TRP A 154 -2.91 -7.50 -12.40
C TRP A 154 -2.66 -7.21 -13.87
N GLU A 155 -3.72 -6.95 -14.63
CA GLU A 155 -3.59 -6.72 -16.07
C GLU A 155 -2.69 -5.50 -16.29
N ILE A 156 -2.91 -4.44 -15.52
CA ILE A 156 -2.15 -3.19 -15.66
C ILE A 156 -0.67 -3.41 -15.34
N CYS A 157 -0.38 -4.07 -14.20
CA CYS A 157 1.00 -4.22 -13.79
C CYS A 157 1.72 -5.16 -14.75
N SER A 158 1.05 -6.26 -15.12
CA SER A 158 1.66 -7.22 -16.03
C SER A 158 1.93 -6.59 -17.39
N THR A 159 1.07 -5.70 -17.87
CA THR A 159 1.34 -4.97 -19.11
C THR A 159 2.66 -4.21 -19.03
N THR A 160 2.85 -3.45 -17.93
CA THR A 160 4.10 -2.72 -17.73
C THR A 160 5.28 -3.69 -17.70
N LEU A 161 5.15 -4.78 -16.95
CA LEU A 161 6.26 -5.71 -16.80
C LEU A 161 6.61 -6.34 -18.16
N LEU A 162 5.62 -6.53 -19.03
CA LEU A 162 5.84 -7.21 -20.31
C LEU A 162 6.57 -6.28 -21.29
N VAL A 163 6.48 -4.96 -21.06
CA VAL A 163 7.24 -3.98 -21.83
C VAL A 163 8.73 -4.21 -21.63
N PHE A 164 9.13 -4.62 -20.43
CA PHE A 164 10.54 -4.81 -20.10
C PHE A 164 10.98 -6.27 -20.24
N LYS A 165 10.05 -7.21 -20.06
CA LYS A 165 10.40 -8.62 -20.11
C LYS A 165 9.32 -9.38 -20.89
N PRO A 166 9.36 -9.34 -22.25
CA PRO A 166 8.35 -10.01 -23.09
C PRO A 166 7.98 -11.46 -22.76
N ASP A 167 8.94 -12.22 -22.24
CA ASP A 167 8.76 -13.64 -21.98
C ASP A 167 8.26 -13.91 -20.55
N LEU A 168 7.81 -12.85 -19.86
CA LEU A 168 7.41 -12.95 -18.46
C LEU A 168 6.43 -14.09 -18.20
N LEU A 169 5.47 -14.29 -19.11
CA LEU A 169 4.39 -15.23 -18.82
C LEU A 169 4.40 -16.44 -19.75
N ASP A 170 5.57 -16.75 -20.32
CA ASP A 170 5.69 -17.87 -21.23
C ASP A 170 5.30 -19.17 -20.52
N ASN A 171 5.52 -19.25 -19.20
CA ASN A 171 5.27 -20.46 -18.45
C ASN A 171 3.99 -20.36 -17.64
N HIS A 172 3.15 -19.35 -17.90
CA HIS A 172 1.97 -19.13 -17.06
C HIS A 172 0.75 -18.81 -17.92
N PRO A 173 0.28 -19.76 -18.79
CA PRO A 173 -0.84 -19.44 -19.67
C PRO A 173 -2.11 -19.04 -18.89
N ARG A 174 -2.25 -19.49 -17.64
CA ARG A 174 -3.44 -19.10 -16.87
C ARG A 174 -3.42 -17.60 -16.55
N LEU A 175 -2.21 -17.05 -16.34
CA LEU A 175 -2.09 -15.61 -16.07
C LEU A 175 -2.33 -14.81 -17.35
N VAL A 176 -1.92 -15.37 -18.50
CA VAL A 176 -2.20 -14.76 -19.78
C VAL A 176 -3.71 -14.74 -19.97
N THR A 177 -4.36 -15.86 -19.68
CA THR A 177 -5.80 -15.92 -19.88
C THR A 177 -6.48 -14.84 -19.03
N LEU A 178 -6.01 -14.67 -17.79
CA LEU A 178 -6.64 -13.69 -16.92
C LEU A 178 -6.50 -12.28 -17.52
N ARG A 179 -5.33 -11.94 -18.08
CA ARG A 179 -5.18 -10.66 -18.76
C ARG A 179 -6.21 -10.56 -19.89
N LYS A 180 -6.36 -11.63 -20.67
CA LYS A 180 -7.27 -11.57 -21.81
C LYS A 180 -8.70 -11.41 -21.34
N LYS A 181 -9.04 -12.03 -20.19
CA LYS A 181 -10.38 -11.85 -19.66
C LYS A 181 -10.63 -10.40 -19.25
N VAL A 182 -9.65 -9.76 -18.60
CA VAL A 182 -9.79 -8.35 -18.25
C VAL A 182 -9.95 -7.53 -19.53
N GLN A 183 -9.08 -7.80 -20.50
CA GLN A 183 -9.00 -7.07 -21.75
C GLN A 183 -10.27 -7.22 -22.58
N ALA A 184 -11.05 -8.28 -22.36
CA ALA A 184 -12.28 -8.52 -23.12
C ALA A 184 -13.51 -7.91 -22.46
N ILE A 185 -13.42 -7.48 -21.20
CA ILE A 185 -14.56 -6.80 -20.62
C ILE A 185 -14.90 -5.59 -21.49
N PRO A 186 -16.15 -5.44 -21.99
CA PRO A 186 -16.48 -4.41 -22.98
C PRO A 186 -16.02 -2.99 -22.59
N ALA A 187 -16.30 -2.57 -21.36
CA ALA A 187 -15.89 -1.22 -20.95
C ALA A 187 -14.37 -1.11 -20.89
N VAL A 188 -13.69 -2.20 -20.50
CA VAL A 188 -12.24 -2.12 -20.44
C VAL A 188 -11.68 -2.13 -21.86
N ALA A 189 -12.20 -3.01 -22.72
CA ALA A 189 -11.69 -3.11 -24.08
C ALA A 189 -11.82 -1.75 -24.76
N ASN A 190 -12.98 -1.12 -24.59
CA ASN A 190 -13.26 0.19 -25.17
C ASN A 190 -12.22 1.20 -24.71
N TRP A 191 -11.96 1.22 -23.39
CA TRP A 191 -10.93 2.09 -22.88
C TRP A 191 -9.58 1.81 -23.53
N ILE A 192 -9.17 0.54 -23.60
CA ILE A 192 -7.87 0.16 -24.15
C ILE A 192 -7.75 0.67 -25.61
N LYS A 193 -8.87 0.61 -26.35
CA LYS A 193 -8.91 1.05 -27.74
C LYS A 193 -8.71 2.57 -27.82
N ARG A 194 -9.31 3.30 -26.86
CA ARG A 194 -9.43 4.74 -27.00
C ARG A 194 -8.34 5.51 -26.27
N ARG A 195 -7.58 4.86 -25.37
CA ARG A 195 -6.62 5.59 -24.57
C ARG A 195 -5.39 6.00 -25.40
N PRO A 196 -4.66 7.06 -24.97
CA PRO A 196 -3.37 7.42 -25.57
C PRO A 196 -2.28 6.36 -25.45
N GLN A 197 -1.53 6.14 -26.55
CA GLN A 197 -0.47 5.15 -26.56
C GLN A 197 0.81 5.72 -25.96
N THR A 198 1.19 5.14 -24.83
CA THR A 198 2.37 5.58 -24.11
C THR A 198 3.21 4.35 -23.82
N LYS A 199 4.51 4.53 -23.71
CA LYS A 199 5.35 3.38 -23.43
C LYS A 199 4.92 2.80 -22.09
N LEU A 200 4.65 3.70 -21.13
CA LEU A 200 4.43 3.26 -19.76
C LEU A 200 3.09 3.77 -19.20
N GLY B 1 -18.66 -19.01 16.46
CA GLY B 1 -18.40 -18.04 17.57
C GLY B 1 -17.26 -17.09 17.22
N MET B 2 -16.47 -16.72 18.24
CA MET B 2 -15.35 -15.79 18.08
C MET B 2 -14.23 -16.41 17.25
N PRO B 3 -13.74 -15.71 16.20
CA PRO B 3 -12.68 -16.26 15.37
C PRO B 3 -11.38 -16.44 16.13
N ASN B 4 -10.68 -17.53 15.79
CA ASN B 4 -9.37 -17.78 16.34
C ASN B 4 -8.32 -17.06 15.48
N TYR B 5 -7.57 -16.13 16.10
CA TYR B 5 -6.57 -15.35 15.39
C TYR B 5 -5.14 -15.78 15.73
N LYS B 6 -4.34 -16.02 14.70
CA LYS B 6 -2.92 -16.27 14.90
C LYS B 6 -2.11 -15.40 13.95
N LEU B 7 -1.36 -14.46 14.54
CA LEU B 7 -0.43 -13.59 13.83
C LEU B 7 0.97 -14.21 13.86
N THR B 8 1.60 -14.28 12.68
CA THR B 8 2.98 -14.72 12.56
C THR B 8 3.87 -13.60 12.01
N TYR B 9 4.97 -13.33 12.71
CA TYR B 9 5.99 -12.39 12.26
C TYR B 9 7.27 -12.68 13.03
N PHE B 10 8.31 -11.89 12.74
CA PHE B 10 9.54 -11.92 13.52
C PHE B 10 9.26 -11.40 14.92
N ASN B 11 10.22 -11.58 15.83
CA ASN B 11 10.12 -10.98 17.14
C ASN B 11 10.63 -9.53 17.02
N MET B 12 9.70 -8.65 16.65
CA MET B 12 10.02 -7.32 16.14
C MET B 12 8.70 -6.56 16.02
N ARG B 13 8.71 -5.24 16.23
CA ARG B 13 7.53 -4.43 15.98
C ARG B 13 7.28 -4.46 14.46
N GLY B 14 8.18 -3.84 13.68
CA GLY B 14 8.21 -3.92 12.23
C GLY B 14 6.82 -3.69 11.63
N ARG B 15 6.48 -4.51 10.64
CA ARG B 15 5.26 -4.40 9.85
C ARG B 15 4.08 -5.07 10.55
N ALA B 16 4.31 -5.86 11.61
CA ALA B 16 3.22 -6.49 12.33
C ALA B 16 2.60 -5.57 13.37
N GLU B 17 3.32 -4.52 13.77
CA GLU B 17 2.93 -3.76 14.95
C GLU B 17 1.55 -3.10 14.78
N ILE B 18 1.21 -2.69 13.54
CA ILE B 18 -0.08 -2.04 13.34
C ILE B 18 -1.21 -3.02 13.70
N ILE B 19 -1.05 -4.29 13.30
CA ILE B 19 -2.02 -5.34 13.60
C ILE B 19 -2.12 -5.50 15.12
N ARG B 20 -0.96 -5.57 15.78
CA ARG B 20 -0.93 -5.73 17.23
C ARG B 20 -1.64 -4.59 17.96
N TYR B 21 -1.47 -3.33 17.51
CA TYR B 21 -2.13 -2.24 18.18
C TYR B 21 -3.64 -2.36 18.00
N ILE B 22 -4.03 -2.82 16.80
CA ILE B 22 -5.44 -2.89 16.48
C ILE B 22 -6.11 -3.96 17.35
N PHE B 23 -5.48 -5.14 17.50
CA PHE B 23 -6.07 -6.17 18.35
C PHE B 23 -6.18 -5.65 19.79
N ALA B 24 -5.11 -4.98 20.26
CA ALA B 24 -5.08 -4.46 21.61
C ALA B 24 -6.22 -3.47 21.81
N TYR B 25 -6.37 -2.53 20.87
CA TYR B 25 -7.38 -1.50 20.97
C TYR B 25 -8.80 -2.07 20.93
N LEU B 26 -9.05 -3.03 20.04
CA LEU B 26 -10.36 -3.66 19.91
C LEU B 26 -10.55 -4.77 20.95
N ASP B 27 -9.56 -5.01 21.81
CA ASP B 27 -9.67 -5.97 22.89
C ASP B 27 -10.00 -7.35 22.32
N ILE B 28 -9.18 -7.77 21.35
CA ILE B 28 -9.38 -9.04 20.70
C ILE B 28 -8.20 -9.95 21.06
N GLN B 29 -8.51 -11.18 21.46
CA GLN B 29 -7.50 -12.15 21.82
C GLN B 29 -6.92 -12.75 20.54
N TYR B 30 -5.60 -12.99 20.54
CA TYR B 30 -4.90 -13.57 19.41
C TYR B 30 -3.61 -14.19 19.90
N GLU B 31 -3.11 -15.17 19.13
CA GLU B 31 -1.80 -15.74 19.38
C GLU B 31 -0.77 -14.90 18.62
N ASP B 32 0.11 -14.24 19.38
CA ASP B 32 1.18 -13.42 18.84
C ASP B 32 2.40 -14.29 18.58
N HIS B 33 2.43 -14.96 17.42
CA HIS B 33 3.49 -15.92 17.15
C HIS B 33 4.70 -15.23 16.56
N ARG B 34 5.87 -15.37 17.21
CA ARG B 34 7.10 -14.71 16.79
C ARG B 34 8.14 -15.74 16.38
N ILE B 35 8.68 -15.63 15.16
CA ILE B 35 9.61 -16.64 14.68
C ILE B 35 11.05 -16.11 14.65
N GLU B 36 11.99 -17.04 14.70
CA GLU B 36 13.41 -16.72 14.69
C GLU B 36 13.90 -16.62 13.24
N GLN B 37 14.93 -15.78 13.04
CA GLN B 37 15.50 -15.56 11.71
C GLN B 37 16.08 -16.87 11.19
N ALA B 38 16.17 -17.88 12.08
CA ALA B 38 16.70 -19.20 11.80
C ALA B 38 15.61 -20.16 11.33
N ASP B 39 14.38 -19.93 11.83
N ASP B 39 14.38 -19.95 11.82
CA ASP B 39 13.26 -20.79 11.48
CA ASP B 39 13.24 -20.79 11.48
C ASP B 39 12.51 -20.18 10.28
C ASP B 39 12.54 -20.20 10.25
N TRP B 40 12.95 -18.99 9.86
CA TRP B 40 12.31 -18.25 8.76
C TRP B 40 12.37 -19.02 7.45
N PRO B 41 13.57 -19.28 6.86
CA PRO B 41 13.67 -19.96 5.57
C PRO B 41 12.66 -21.09 5.32
N GLU B 42 12.39 -21.90 6.35
CA GLU B 42 11.44 -23.00 6.24
C GLU B 42 10.04 -22.45 6.00
N ILE B 43 9.52 -21.70 6.98
CA ILE B 43 8.16 -21.22 6.99
C ILE B 43 7.86 -20.48 5.69
N LYS B 44 8.86 -19.72 5.21
CA LYS B 44 8.71 -18.89 4.01
C LYS B 44 8.12 -19.69 2.86
N SER B 45 8.69 -20.87 2.58
CA SER B 45 8.31 -21.65 1.42
C SER B 45 6.88 -22.20 1.54
N THR B 46 6.23 -21.95 2.67
CA THR B 46 4.89 -22.50 2.88
C THR B 46 3.83 -21.42 2.71
N LEU B 47 4.25 -20.14 2.64
CA LEU B 47 3.35 -18.99 2.55
C LEU B 47 3.05 -18.65 1.10
N PRO B 48 1.76 -18.53 0.69
CA PRO B 48 1.40 -18.14 -0.67
C PRO B 48 2.24 -17.06 -1.36
N PHE B 49 2.70 -16.05 -0.63
CA PHE B 49 3.53 -15.00 -1.24
C PHE B 49 4.90 -14.90 -0.59
N GLY B 50 5.20 -15.79 0.36
CA GLY B 50 6.53 -15.87 0.96
C GLY B 50 6.93 -14.65 1.79
N LYS B 51 5.95 -13.91 2.31
CA LYS B 51 6.27 -12.74 3.14
C LYS B 51 5.47 -12.80 4.44
N ILE B 52 6.00 -12.10 5.46
CA ILE B 52 5.29 -11.91 6.71
C ILE B 52 5.10 -10.42 6.97
N PRO B 53 4.12 -9.98 7.80
CA PRO B 53 3.26 -10.90 8.56
C PRO B 53 2.17 -11.58 7.75
N ILE B 54 1.65 -12.66 8.35
CA ILE B 54 0.42 -13.32 7.92
C ILE B 54 -0.49 -13.38 9.15
N LEU B 55 -1.80 -13.44 8.90
CA LEU B 55 -2.75 -13.60 9.97
C LEU B 55 -3.65 -14.79 9.61
N GLU B 56 -3.69 -15.79 10.51
CA GLU B 56 -4.59 -16.90 10.28
C GLU B 56 -5.88 -16.64 11.06
N VAL B 57 -7.00 -16.78 10.35
CA VAL B 57 -8.34 -16.59 10.88
C VAL B 57 -9.06 -17.91 10.71
N ASP B 58 -9.22 -18.64 11.82
CA ASP B 58 -9.87 -19.95 11.79
C ASP B 58 -9.19 -20.79 10.73
N GLY B 59 -7.85 -20.73 10.70
CA GLY B 59 -7.07 -21.54 9.77
C GLY B 59 -6.91 -20.97 8.35
N LEU B 60 -7.67 -19.92 7.99
CA LEU B 60 -7.46 -19.30 6.69
C LEU B 60 -6.39 -18.21 6.80
N THR B 61 -5.45 -18.22 5.84
CA THR B 61 -4.31 -17.32 5.91
C THR B 61 -4.62 -16.00 5.20
N LEU B 62 -4.40 -14.89 5.91
CA LEU B 62 -4.44 -13.57 5.30
C LEU B 62 -3.01 -13.06 5.26
N HIS B 63 -2.72 -12.15 4.31
CA HIS B 63 -1.39 -11.58 4.16
C HIS B 63 -1.53 -10.07 3.87
N GLN B 64 -0.38 -9.38 3.91
CA GLN B 64 -0.23 -7.95 3.66
C GLN B 64 -0.68 -7.18 4.89
N SER B 65 0.29 -6.57 5.58
CA SER B 65 0.00 -6.00 6.89
C SER B 65 -1.13 -4.96 6.83
N LEU B 66 -1.18 -4.14 5.76
CA LEU B 66 -2.16 -3.05 5.72
C LEU B 66 -3.53 -3.57 5.26
N ALA B 67 -3.53 -4.57 4.38
CA ALA B 67 -4.76 -5.26 4.01
C ALA B 67 -5.44 -5.85 5.25
N ILE B 68 -4.63 -6.49 6.11
CA ILE B 68 -5.09 -7.07 7.36
C ILE B 68 -5.59 -5.98 8.30
N ALA B 69 -4.81 -4.90 8.43
CA ALA B 69 -5.24 -3.83 9.32
C ALA B 69 -6.58 -3.26 8.85
N ARG B 70 -6.77 -3.09 7.54
CA ARG B 70 -8.02 -2.50 7.06
C ARG B 70 -9.18 -3.46 7.33
N TYR B 71 -8.91 -4.75 7.12
CA TYR B 71 -9.92 -5.79 7.37
C TYR B 71 -10.35 -5.79 8.84
N LEU B 72 -9.39 -5.73 9.75
CA LEU B 72 -9.72 -5.76 11.17
C LEU B 72 -10.48 -4.50 11.63
N THR B 73 -10.25 -3.36 10.97
CA THR B 73 -10.81 -2.12 11.47
C THR B 73 -12.11 -1.75 10.79
N LYS B 74 -12.50 -2.51 9.75
CA LYS B 74 -13.70 -2.15 9.00
C LYS B 74 -14.92 -2.20 9.93
N ASN B 75 -15.78 -1.19 9.81
CA ASN B 75 -17.00 -1.04 10.60
C ASN B 75 -16.70 -0.76 12.07
N THR B 76 -15.44 -0.46 12.42
CA THR B 76 -15.08 -0.13 13.80
C THR B 76 -14.80 1.36 13.92
N ASP B 77 -14.58 1.84 15.16
N ASP B 77 -14.59 1.84 15.16
CA ASP B 77 -14.32 3.24 15.43
CA ASP B 77 -14.31 3.24 15.45
C ASP B 77 -12.94 3.69 14.94
C ASP B 77 -12.96 3.68 14.88
N LEU B 78 -12.08 2.73 14.54
CA LEU B 78 -10.74 3.06 14.06
C LEU B 78 -10.74 3.33 12.56
N ALA B 79 -11.83 2.94 11.87
CA ALA B 79 -11.92 3.27 10.47
C ALA B 79 -12.33 4.74 10.38
N GLY B 80 -12.13 5.36 9.22
CA GLY B 80 -12.63 6.70 9.06
C GLY B 80 -14.15 6.68 9.20
N ASN B 81 -14.69 7.84 9.56
CA ASN B 81 -16.09 8.04 9.83
C ASN B 81 -16.90 7.96 8.54
N THR B 82 -16.49 8.77 7.55
CA THR B 82 -17.16 8.77 6.26
C THR B 82 -16.33 7.98 5.25
N GLU B 83 -16.96 7.61 4.13
CA GLU B 83 -16.30 6.93 3.03
C GLU B 83 -15.13 7.80 2.54
N MET B 84 -15.34 9.12 2.51
CA MET B 84 -14.31 10.05 2.09
C MET B 84 -13.17 10.09 3.11
N GLU B 85 -13.51 10.11 4.39
CA GLU B 85 -12.50 10.07 5.45
C GLU B 85 -11.75 8.74 5.43
N GLN B 86 -12.42 7.65 5.04
CA GLN B 86 -11.74 6.38 4.89
C GLN B 86 -10.68 6.46 3.80
N CYS B 87 -10.95 7.24 2.74
CA CYS B 87 -9.96 7.43 1.69
C CYS B 87 -8.75 8.17 2.26
N HIS B 88 -9.00 9.23 3.04
CA HIS B 88 -7.90 9.98 3.65
C HIS B 88 -7.09 9.08 4.58
N VAL B 89 -7.75 8.20 5.35
CA VAL B 89 -7.06 7.25 6.22
C VAL B 89 -6.15 6.38 5.37
N ASP B 90 -6.70 5.78 4.30
CA ASP B 90 -5.88 4.89 3.48
C ASP B 90 -4.72 5.66 2.83
N ALA B 91 -4.96 6.93 2.47
CA ALA B 91 -3.96 7.70 1.73
C ALA B 91 -2.78 8.07 2.66
N ILE B 92 -3.09 8.49 3.89
CA ILE B 92 -2.04 8.77 4.88
C ILE B 92 -1.20 7.53 5.21
N VAL B 93 -1.90 6.41 5.40
CA VAL B 93 -1.24 5.15 5.65
C VAL B 93 -0.30 4.79 4.50
N ASP B 94 -0.76 4.92 3.24
CA ASP B 94 0.10 4.57 2.10
C ASP B 94 1.26 5.56 1.98
N THR B 95 1.02 6.83 2.30
CA THR B 95 2.09 7.83 2.28
C THR B 95 3.19 7.40 3.25
N LEU B 96 2.80 7.02 4.46
CA LEU B 96 3.77 6.57 5.47
C LEU B 96 4.42 5.26 5.04
N ASP B 97 3.61 4.29 4.59
CA ASP B 97 4.13 2.99 4.20
C ASP B 97 5.07 3.11 3.00
N ASP B 98 4.75 3.99 2.05
CA ASP B 98 5.63 4.21 0.91
C ASP B 98 7.03 4.62 1.37
N PHE B 99 7.07 5.55 2.33
CA PHE B 99 8.36 6.04 2.80
C PHE B 99 9.11 4.95 3.56
N MET B 100 8.46 4.26 4.51
CA MET B 100 9.12 3.19 5.25
C MET B 100 9.60 2.10 4.29
N SER B 101 8.82 1.87 3.22
CA SER B 101 9.14 0.84 2.24
C SER B 101 10.36 1.17 1.37
N CYS B 102 10.73 2.46 1.29
CA CYS B 102 11.93 2.89 0.58
C CYS B 102 13.21 2.40 1.24
N PHE B 103 13.17 2.16 2.56
CA PHE B 103 14.38 1.72 3.26
C PHE B 103 14.75 0.31 2.80
N PRO B 104 16.04 0.05 2.48
CA PRO B 104 16.45 -1.27 1.99
C PRO B 104 16.64 -2.26 3.13
N TRP B 105 15.52 -2.62 3.78
CA TRP B 105 15.55 -3.47 4.95
C TRP B 105 16.33 -4.77 4.68
N ALA B 106 16.27 -5.28 3.44
CA ALA B 106 16.80 -6.60 3.12
C ALA B 106 18.15 -6.56 2.39
N GLU B 107 18.72 -5.36 2.19
CA GLU B 107 19.95 -5.20 1.44
C GLU B 107 21.08 -6.02 2.07
N LYS B 108 21.69 -6.90 1.26
CA LYS B 108 22.74 -7.77 1.73
C LYS B 108 24.09 -7.05 1.85
N LYS B 109 24.27 -5.90 1.20
CA LYS B 109 25.52 -5.14 1.28
C LYS B 109 25.39 -4.05 2.33
N GLN B 110 26.06 -4.25 3.47
CA GLN B 110 25.93 -3.36 4.62
C GLN B 110 26.22 -1.92 4.24
N ASP B 111 27.30 -1.70 3.49
CA ASP B 111 27.70 -0.34 3.14
C ASP B 111 26.60 0.35 2.31
N VAL B 112 26.00 -0.37 1.35
CA VAL B 112 24.93 0.15 0.51
C VAL B 112 23.73 0.50 1.40
N LYS B 113 23.40 -0.40 2.34
CA LYS B 113 22.26 -0.27 3.22
C LYS B 113 22.40 0.99 4.06
N GLU B 114 23.57 1.12 4.71
CA GLU B 114 23.89 2.29 5.51
C GLU B 114 23.79 3.58 4.70
N GLN B 115 24.36 3.59 3.50
CA GLN B 115 24.34 4.78 2.67
C GLN B 115 22.90 5.22 2.36
N MET B 116 22.04 4.23 2.06
N MET B 116 22.02 4.26 2.04
CA MET B 116 20.66 4.46 1.65
CA MET B 116 20.66 4.62 1.67
C MET B 116 19.83 4.94 2.85
C MET B 116 19.85 5.03 2.89
N PHE B 117 20.05 4.35 4.03
CA PHE B 117 19.37 4.75 5.26
C PHE B 117 19.73 6.20 5.59
N ASN B 118 21.03 6.52 5.51
CA ASN B 118 21.50 7.86 5.85
C ASN B 118 20.89 8.91 4.91
N GLU B 119 20.81 8.57 3.62
CA GLU B 119 20.31 9.50 2.63
C GLU B 119 18.82 9.73 2.86
N LEU B 120 18.04 8.64 3.02
CA LEU B 120 16.60 8.75 3.32
C LEU B 120 16.33 9.61 4.54
N LEU B 121 17.12 9.43 5.61
CA LEU B 121 16.86 10.11 6.88
C LEU B 121 17.34 11.56 6.83
N THR B 122 18.41 11.82 6.06
CA THR B 122 18.98 13.16 6.05
C THR B 122 18.19 14.09 5.15
N TYR B 123 17.82 13.61 3.95
CA TYR B 123 17.15 14.43 2.94
C TYR B 123 15.64 14.21 2.93
N ASN B 124 15.22 12.95 2.74
CA ASN B 124 13.80 12.68 2.48
C ASN B 124 12.93 12.82 3.74
N ALA B 125 13.41 12.29 4.87
CA ALA B 125 12.57 12.23 6.06
C ALA B 125 12.12 13.62 6.50
N PRO B 126 13.00 14.66 6.58
CA PRO B 126 12.57 15.97 7.06
C PRO B 126 11.47 16.61 6.21
N HIS B 127 11.54 16.40 4.89
CA HIS B 127 10.52 16.88 3.97
C HIS B 127 9.18 16.21 4.27
N LEU B 128 9.20 14.87 4.44
CA LEU B 128 7.96 14.18 4.81
C LEU B 128 7.45 14.70 6.16
N MET B 129 8.34 14.91 7.15
CA MET B 129 7.85 15.45 8.43
C MET B 129 7.16 16.82 8.25
N GLN B 130 7.74 17.72 7.44
N GLN B 130 7.78 17.69 7.42
CA GLN B 130 7.12 19.02 7.26
CA GLN B 130 7.25 19.02 7.14
C GLN B 130 5.76 18.86 6.58
C GLN B 130 5.86 18.90 6.53
N ASP B 131 5.70 18.00 5.55
CA ASP B 131 4.42 17.75 4.89
C ASP B 131 3.36 17.31 5.89
N LEU B 132 3.69 16.35 6.75
CA LEU B 132 2.76 15.82 7.75
C LEU B 132 2.34 16.88 8.76
N ASP B 133 3.31 17.70 9.19
CA ASP B 133 3.08 18.80 10.11
C ASP B 133 2.03 19.75 9.51
N THR B 134 2.26 20.21 8.28
CA THR B 134 1.31 21.10 7.61
C THR B 134 -0.03 20.40 7.45
N TYR B 135 0.00 19.10 7.12
CA TYR B 135 -1.24 18.34 6.96
C TYR B 135 -2.06 18.31 8.24
N LEU B 136 -1.42 17.98 9.36
CA LEU B 136 -2.11 17.90 10.64
C LEU B 136 -2.61 19.28 11.07
N GLY B 137 -1.77 20.30 10.84
CA GLY B 137 -2.07 21.63 11.35
C GLY B 137 -2.34 21.61 12.86
N GLY B 138 -3.41 22.29 13.26
CA GLY B 138 -3.77 22.35 14.67
C GLY B 138 -4.85 21.36 15.05
N ARG B 139 -5.09 20.36 14.18
N ARG B 139 -5.12 20.38 14.15
CA ARG B 139 -6.14 19.38 14.42
CA ARG B 139 -6.13 19.36 14.40
C ARG B 139 -5.67 18.35 15.43
C ARG B 139 -5.67 18.36 15.46
N GLU B 140 -6.63 17.72 16.11
CA GLU B 140 -6.33 16.76 17.17
C GLU B 140 -5.81 15.43 16.63
N TRP B 141 -6.39 14.96 15.52
CA TRP B 141 -6.04 13.66 14.94
C TRP B 141 -5.78 13.89 13.45
N LEU B 142 -5.09 12.93 12.79
CA LEU B 142 -4.76 13.15 11.38
C LEU B 142 -5.99 13.27 10.51
N ILE B 143 -7.01 12.42 10.76
CA ILE B 143 -8.22 12.39 9.95
C ILE B 143 -9.46 12.48 10.84
N GLY B 144 -10.41 13.34 10.45
CA GLY B 144 -11.70 13.41 11.13
C GLY B 144 -11.58 13.93 12.56
N ASN B 145 -12.52 13.54 13.41
CA ASN B 145 -12.54 14.16 14.74
C ASN B 145 -12.22 13.16 15.84
N SER B 146 -11.72 11.97 15.47
CA SER B 146 -11.39 10.97 16.47
C SER B 146 -10.24 10.12 15.94
N VAL B 147 -9.59 9.38 16.85
CA VAL B 147 -8.44 8.54 16.51
C VAL B 147 -8.83 7.56 15.40
N THR B 148 -7.90 7.31 14.46
CA THR B 148 -8.08 6.26 13.47
C THR B 148 -6.81 5.41 13.46
N TRP B 149 -6.81 4.31 12.68
CA TRP B 149 -5.59 3.53 12.57
C TRP B 149 -4.48 4.25 11.80
N ALA B 150 -4.83 5.35 11.12
CA ALA B 150 -3.79 6.20 10.54
C ALA B 150 -2.92 6.83 11.64
N ASP B 151 -3.54 7.31 12.72
CA ASP B 151 -2.80 7.84 13.86
C ASP B 151 -1.91 6.77 14.49
N PHE B 152 -2.46 5.55 14.60
CA PHE B 152 -1.69 4.42 15.06
C PHE B 152 -0.46 4.27 14.16
N TYR B 153 -0.69 4.27 12.84
CA TYR B 153 0.40 4.01 11.92
C TYR B 153 1.45 5.12 11.99
N TRP B 154 1.00 6.36 12.19
CA TRP B 154 1.95 7.45 12.37
C TRP B 154 2.89 7.16 13.54
N GLU B 155 2.30 6.75 14.67
CA GLU B 155 3.05 6.58 15.90
C GLU B 155 4.06 5.46 15.71
N ILE B 156 3.62 4.38 15.05
CA ILE B 156 4.47 3.21 14.85
C ILE B 156 5.60 3.59 13.90
N CYS B 157 5.28 4.25 12.77
CA CYS B 157 6.33 4.52 11.80
C CYS B 157 7.31 5.52 12.39
N SER B 158 6.80 6.54 13.08
CA SER B 158 7.69 7.58 13.62
C SER B 158 8.56 7.00 14.74
N THR B 159 8.03 6.05 15.50
CA THR B 159 8.81 5.33 16.50
C THR B 159 10.05 4.71 15.83
N THR B 160 9.82 3.98 14.73
CA THR B 160 10.89 3.37 13.96
C THR B 160 11.90 4.42 13.53
N LEU B 161 11.41 5.54 12.94
CA LEU B 161 12.31 6.52 12.36
C LEU B 161 13.14 7.19 13.46
N LEU B 162 12.56 7.32 14.66
CA LEU B 162 13.24 8.00 15.75
C LEU B 162 14.40 7.16 16.28
N VAL B 163 14.31 5.83 16.14
CA VAL B 163 15.41 4.94 16.49
C VAL B 163 16.67 5.37 15.73
N PHE B 164 16.51 5.60 14.42
CA PHE B 164 17.64 5.91 13.56
C PHE B 164 17.98 7.40 13.55
N LYS B 165 16.99 8.26 13.82
CA LYS B 165 17.19 9.69 13.76
C LYS B 165 16.49 10.34 14.95
N PRO B 166 17.10 10.28 16.15
CA PRO B 166 16.49 10.82 17.36
C PRO B 166 15.95 12.25 17.31
N ASP B 167 16.53 13.10 16.46
CA ASP B 167 16.22 14.52 16.38
C ASP B 167 15.13 14.82 15.34
N LEU B 168 14.58 13.75 14.75
CA LEU B 168 13.66 13.85 13.62
C LEU B 168 12.55 14.88 13.87
N LEU B 169 11.98 14.87 15.09
CA LEU B 169 10.79 15.65 15.35
C LEU B 169 11.03 16.85 16.27
N ASP B 170 12.30 17.29 16.38
CA ASP B 170 12.60 18.43 17.25
C ASP B 170 11.85 19.68 16.83
N ASN B 171 11.65 19.83 15.51
CA ASN B 171 11.00 20.99 14.95
C ASN B 171 9.50 20.75 14.76
N HIS B 172 8.97 19.59 15.21
CA HIS B 172 7.57 19.30 14.96
C HIS B 172 6.81 18.95 16.24
N PRO B 173 6.73 19.83 17.27
CA PRO B 173 6.04 19.47 18.51
C PRO B 173 4.60 18.97 18.34
N ARG B 174 3.89 19.41 17.29
CA ARG B 174 2.51 18.98 17.09
C ARG B 174 2.42 17.51 16.66
N LEU B 175 3.44 17.05 15.91
CA LEU B 175 3.54 15.65 15.52
C LEU B 175 3.90 14.78 16.73
N VAL B 176 4.70 15.35 17.66
CA VAL B 176 5.01 14.68 18.91
C VAL B 176 3.78 14.56 19.80
N THR B 177 3.00 15.64 19.89
CA THR B 177 1.78 15.60 20.70
C THR B 177 0.87 14.45 20.24
N LEU B 178 0.71 14.31 18.92
CA LEU B 178 -0.10 13.24 18.36
C LEU B 178 0.42 11.87 18.77
N ARG B 179 1.74 11.63 18.67
CA ARG B 179 2.32 10.36 19.09
C ARG B 179 1.98 10.11 20.57
N LYS B 180 2.13 11.16 21.40
CA LYS B 180 1.89 11.05 22.83
C LYS B 180 0.43 10.67 23.11
N LYS B 181 -0.50 11.25 22.34
CA LYS B 181 -1.91 10.96 22.49
C LYS B 181 -2.21 9.51 22.10
N VAL B 182 -1.59 9.03 21.02
CA VAL B 182 -1.79 7.63 20.66
C VAL B 182 -1.28 6.73 21.79
N GLN B 183 -0.05 7.00 22.25
CA GLN B 183 0.62 6.25 23.30
C GLN B 183 -0.15 6.30 24.63
N ALA B 184 -1.04 7.29 24.83
CA ALA B 184 -1.76 7.42 26.09
C ALA B 184 -3.11 6.70 26.06
N ILE B 185 -3.60 6.33 24.87
CA ILE B 185 -4.85 5.58 24.80
C ILE B 185 -4.67 4.34 25.66
N PRO B 186 -5.57 4.11 26.65
CA PRO B 186 -5.33 3.08 27.67
C PRO B 186 -4.96 1.71 27.11
N ALA B 187 -5.69 1.25 26.09
CA ALA B 187 -5.39 -0.08 25.54
C ALA B 187 -4.03 -0.09 24.85
N VAL B 188 -3.64 1.06 24.27
CA VAL B 188 -2.38 1.14 23.56
C VAL B 188 -1.24 1.22 24.57
N ALA B 189 -1.41 2.08 25.58
CA ALA B 189 -0.49 2.22 26.71
C ALA B 189 -0.19 0.87 27.35
N ASN B 190 -1.25 0.08 27.60
CA ASN B 190 -1.16 -1.25 28.18
C ASN B 190 -0.32 -2.15 27.28
N TRP B 191 -0.59 -2.14 25.96
CA TRP B 191 0.18 -2.93 25.01
C TRP B 191 1.65 -2.51 25.02
N ILE B 192 1.91 -1.19 24.96
CA ILE B 192 3.29 -0.69 24.90
C ILE B 192 4.08 -1.16 26.13
N LYS B 193 3.39 -1.28 27.28
CA LYS B 193 4.03 -1.73 28.51
C LYS B 193 4.38 -3.21 28.42
N ARG B 194 3.47 -4.05 27.89
CA ARG B 194 3.67 -5.49 27.97
C ARG B 194 4.34 -6.11 26.74
N ARG B 195 4.49 -5.38 25.63
CA ARG B 195 5.04 -6.01 24.43
C ARG B 195 6.51 -6.36 24.65
N PRO B 196 7.03 -7.40 23.97
CA PRO B 196 8.48 -7.68 24.00
C PRO B 196 9.24 -6.43 23.55
N GLN B 197 10.29 -6.12 24.31
CA GLN B 197 11.14 -4.97 24.04
C GLN B 197 12.14 -5.35 22.95
N THR B 198 11.99 -4.71 21.78
CA THR B 198 12.86 -5.00 20.64
C THR B 198 13.39 -3.68 20.10
N LYS B 199 14.48 -3.75 19.34
CA LYS B 199 15.05 -2.52 18.80
C LYS B 199 14.07 -1.93 17.78
N LEU B 200 13.58 -2.81 16.91
CA LEU B 200 12.79 -2.42 15.76
C LEU B 200 11.41 -3.11 15.79
N1 GSH C . 2.06 5.21 -3.86
CA1 GSH C . 1.77 6.51 -4.55
C1 GSH C . 0.53 6.35 -5.45
O11 GSH C . -0.19 7.37 -5.65
O12 GSH C . 0.29 5.21 -5.87
CB1 GSH C . 3.04 6.99 -5.28
CG1 GSH C . 2.82 8.33 -5.97
CD1 GSH C . 4.06 8.78 -6.73
OE1 GSH C . 5.20 8.57 -6.32
N2 GSH C . 3.83 9.38 -7.90
CA2 GSH C . 4.87 10.02 -8.69
C2 GSH C . 5.15 11.47 -8.25
O2 GSH C . 4.20 12.25 -8.14
CB2 GSH C . 4.54 9.94 -10.17
SG2 GSH C . 4.59 8.25 -10.81
N3 GSH C . 6.42 11.78 -7.93
CA3 GSH C . 6.84 13.07 -7.41
C3 GSH C . 7.28 14.06 -8.50
O31 GSH C . 7.53 13.57 -9.62
O32 GSH C . 7.37 15.28 -8.20
MG MG D . 1.92 0.14 -0.54
C6 QPN E . 5.83 5.73 -13.07
C7 QPN E . 5.54 4.49 -12.27
C8 QPN E . 4.96 3.49 -13.20
C10 QPN E . 5.93 4.54 -15.29
N12 QPN E . 3.83 1.70 -14.03
C15 QPN E . 2.43 1.53 -11.49
C17 QPN E . 2.84 1.02 -9.20
C20 QPN E . 4.62 1.93 -10.56
C1 QPN E . 7.22 8.67 -14.10
C2 QPN E . 7.95 7.38 -13.78
C3 QPN E . 7.51 6.35 -14.79
O4 QPN E . 8.07 6.27 -15.88
N5 QPN E . 6.48 5.55 -14.38
C9 QPN E . 5.14 3.51 -14.57
C11 QPN E . 4.41 2.38 -15.04
N13 QPN E . 4.18 2.40 -12.89
C14 QPN E . 3.73 1.96 -11.63
C16 QPN E . 1.98 1.05 -10.27
C18 QPN E . 4.13 1.45 -9.36
F19 QPN E . 4.99 1.42 -8.33
C1 GOL F . -13.94 -9.25 11.50
O1 GOL F . -13.00 -8.27 11.03
C2 GOL F . -15.27 -9.08 10.80
O2 GOL F . -15.05 -9.02 9.39
C3 GOL F . -16.02 -7.87 11.28
O3 GOL F . -15.24 -6.67 11.19
C1 GOL G . -4.51 20.47 -9.35
O1 GOL G . -5.57 20.75 -10.27
C2 GOL G . -4.60 21.30 -8.09
O2 GOL G . -4.52 22.70 -8.41
C3 GOL G . -5.83 21.02 -7.23
O3 GOL G . -5.47 20.73 -5.88
N1 GSH H . 4.09 -4.66 2.20
CA1 GSH H . 4.20 -5.99 2.87
C1 GSH H . 3.45 -5.94 4.21
O11 GSH H . 3.33 -4.82 4.76
O12 GSH H . 3.03 -7.01 4.67
CB1 GSH H . 5.67 -6.37 3.06
CG1 GSH H . 5.91 -7.77 3.64
CD1 GSH H . 7.40 -8.00 3.73
OE1 GSH H . 8.15 -7.72 2.78
N2 GSH H . 7.86 -8.46 4.89
CA2 GSH H . 9.23 -8.92 5.08
C2 GSH H . 9.47 -10.31 4.50
O2 GSH H . 8.62 -11.19 4.65
CB2 GSH H . 9.69 -8.90 6.52
SG2 GSH H . 9.52 -7.28 7.32
N3 GSH H . 10.61 -10.48 3.82
CA3 GSH H . 10.76 -11.51 2.81
C3 GSH H . 11.96 -12.41 3.10
O31 GSH H . 11.99 -13.52 2.53
O32 GSH H . 12.82 -11.97 3.88
C6 QPN I . 11.35 -4.87 9.05
C7 QPN I . 10.74 -3.65 8.38
C8 QPN I . 10.55 -2.67 9.48
C10 QPN I . 12.38 -3.59 10.94
N12 QPN I . 9.72 -0.96 10.72
C15 QPN I . 7.38 -0.93 9.15
C17 QPN I . 6.64 -0.51 6.90
C20 QPN I . 8.90 -1.32 7.30
C1 QPN I . 13.73 -7.48 8.94
C2 QPN I . 13.88 -6.04 8.47
C3 QPN I . 13.78 -5.09 9.61
O4 QPN I . 14.78 -4.82 10.28
N5 QPN I . 12.54 -4.54 9.84
C9 QPN I . 11.29 -2.63 10.63
C11 QPN I . 10.74 -1.55 11.37
N13 QPN I . 9.61 -1.68 9.55
C14 QPN I . 8.62 -1.34 8.65
C16 QPN I . 6.41 -0.52 8.26
C18 QPN I . 7.89 -0.91 6.44
F19 QPN I . 8.14 -0.88 5.11
C1 GOL J . 21.93 0.99 10.31
O1 GOL J . 22.20 2.21 9.62
C2 GOL J . 20.98 0.12 9.53
O2 GOL J . 21.33 0.13 8.15
C3 GOL J . 20.87 -1.30 10.05
O3 GOL J . 19.52 -1.74 10.09
#